data_3RSS
#
_entry.id   3RSS
#
_cell.length_a   122.271
_cell.length_b   122.271
_cell.length_c   154.879
_cell.angle_alpha   90.000
_cell.angle_beta   90.000
_cell.angle_gamma   90.000
#
_symmetry.space_group_name_H-M   'I 4 2 2'
#
loop_
_entity.id
_entity.type
_entity.pdbx_description
1 polymer 'Putative uncharacterized protein'
2 polymer 'Unknown peptide, probably from expression host'
3 non-polymer 'POTASSIUM ION'
4 non-polymer 'NADP NICOTINAMIDE-ADENINE-DINUCLEOTIDE PHOSPHATE'
5 water water
#
loop_
_entity_poly.entity_id
_entity_poly.type
_entity_poly.pdbx_seq_one_letter_code
_entity_poly.pdbx_strand_id
1 'polypeptide(L)'
;MGSDKIHHHHHHMKEIDELTIKEYGVDSRILMERAGISVVLAMEEELGNLSDYRFLVLCGGGNNGGDGFVVARNLLGVVK
DVLVVFLGKKKTPDCEYNYGLYKKFGGKVVEQFEPSILNEFDVVVDAIFGTGLRGEITGEYAEIINLVNKSGKVVVSVDV
PSGIDSNTGKVLRTAVKADLTVTFGVPKIGHILFPGRDLTGKLKVANIGHPVHLINSINRYVITREMVRSLLPERPRDSH
KGTYGKVLIIAGSRLYSGAPVLSGMGSLKVGTGLVKLAVPFPQNLIATSRFPELISVPIDTEKGFFSLQNLQECLELSKD
VDVVAIGPGLGNNEHVREFVNEFLKTLEKPAVIDADAINVLDTSVLKERKSPAVLTPHPGEMARLVKKTVGDVKYNYELA
EEFAKENDCVLVLKSATTIVTDGEKTLFNITGNTGLSKGGSGDVLTGMIAGFIAQGLSPLEASTVSVYLHGFAAELFEQD
ERGLTASELLRLIPEAIRRLKE
;
A
2 'polypeptide(L)' APAWLFEA B
#
loop_
_chem_comp.id
_chem_comp.type
_chem_comp.name
_chem_comp.formula
K non-polymer 'POTASSIUM ION' 'K 1'
NAP non-polymer 'NADP NICOTINAMIDE-ADENINE-DINUCLEOTIDE PHOSPHATE' 'C21 H28 N7 O17 P3'
#
# COMPACT_ATOMS: atom_id res chain seq x y z
N HIS A 8 -8.16 -8.46 -21.50
CA HIS A 8 -7.35 -9.41 -20.68
C HIS A 8 -6.39 -8.63 -19.75
N HIS A 9 -6.48 -8.90 -18.44
CA HIS A 9 -5.50 -8.36 -17.48
C HIS A 9 -4.34 -9.35 -17.27
N HIS A 10 -3.18 -8.86 -16.83
CA HIS A 10 -2.00 -9.71 -16.70
C HIS A 10 -1.33 -9.53 -15.34
N HIS A 11 -1.48 -10.55 -14.49
CA HIS A 11 -0.97 -10.57 -13.11
C HIS A 11 0.51 -10.19 -13.01
N HIS A 12 1.33 -10.63 -13.98
CA HIS A 12 2.81 -10.57 -13.86
C HIS A 12 3.55 -9.98 -15.07
N MET A 13 4.67 -9.33 -14.75
CA MET A 13 5.68 -8.99 -15.73
C MET A 13 6.18 -10.19 -16.55
N LYS A 14 6.14 -11.40 -15.99
CA LYS A 14 6.60 -12.56 -16.73
C LYS A 14 5.76 -12.72 -18.01
N GLU A 15 4.44 -12.62 -17.89
CA GLU A 15 3.54 -12.74 -19.02
C GLU A 15 3.73 -11.58 -19.97
N ILE A 16 4.07 -10.42 -19.42
CA ILE A 16 4.22 -9.19 -20.23
C ILE A 16 5.50 -9.24 -21.03
N ASP A 17 6.57 -9.67 -20.38
CA ASP A 17 7.81 -9.88 -21.07
C ASP A 17 7.61 -10.89 -22.21
N GLU A 18 6.99 -12.04 -21.89
CA GLU A 18 6.81 -13.07 -22.91
C GLU A 18 6.02 -12.60 -24.12
N LEU A 19 4.93 -11.90 -23.87
CA LEU A 19 4.15 -11.36 -24.97
C LEU A 19 4.95 -10.34 -25.81
N THR A 20 5.72 -9.48 -25.13
CA THR A 20 6.46 -8.44 -25.83
C THR A 20 7.50 -9.06 -26.77
N ILE A 21 8.11 -10.16 -26.31
CA ILE A 21 9.05 -10.91 -27.12
C ILE A 21 8.35 -11.75 -28.22
N LYS A 22 7.46 -12.63 -27.82
CA LYS A 22 6.93 -13.67 -28.69
C LYS A 22 5.83 -13.15 -29.62
N GLU A 23 5.01 -12.20 -29.14
CA GLU A 23 3.95 -11.69 -29.98
C GLU A 23 4.23 -10.33 -30.63
N TYR A 24 4.84 -9.41 -29.90
CA TYR A 24 5.19 -8.10 -30.47
C TYR A 24 6.50 -8.15 -31.24
N GLY A 25 7.38 -9.06 -30.88
CA GLY A 25 8.61 -9.28 -31.68
C GLY A 25 9.84 -8.51 -31.26
N VAL A 26 9.82 -7.97 -30.04
CA VAL A 26 11.00 -7.33 -29.49
C VAL A 26 12.02 -8.38 -29.05
N ASP A 27 13.22 -8.34 -29.60
CA ASP A 27 14.27 -9.31 -29.22
C ASP A 27 14.47 -9.23 -27.69
N SER A 28 14.60 -10.38 -27.03
CA SER A 28 14.86 -10.38 -25.57
C SER A 28 16.14 -9.60 -25.22
N ARG A 29 17.14 -9.60 -26.11
CA ARG A 29 18.34 -8.88 -25.86
C ARG A 29 18.15 -7.37 -25.82
N ILE A 30 17.22 -6.85 -26.63
CA ILE A 30 16.86 -5.43 -26.60
C ILE A 30 16.21 -5.03 -25.27
N LEU A 31 15.29 -5.87 -24.73
CA LEU A 31 14.76 -5.61 -23.43
C LEU A 31 15.83 -5.61 -22.36
N MET A 32 16.77 -6.54 -22.43
CA MET A 32 17.83 -6.67 -21.45
C MET A 32 18.77 -5.43 -21.53
N GLU A 33 19.08 -5.00 -22.73
CA GLU A 33 19.89 -3.76 -22.84
C GLU A 33 19.20 -2.55 -22.28
N ARG A 34 17.92 -2.38 -22.59
CA ARG A 34 17.11 -1.28 -22.05
C ARG A 34 17.04 -1.35 -20.49
N ALA A 35 16.92 -2.55 -19.91
CA ALA A 35 16.92 -2.72 -18.46
C ALA A 35 18.25 -2.21 -17.89
N GLY A 36 19.36 -2.68 -18.44
CA GLY A 36 20.63 -2.29 -17.82
C GLY A 36 20.95 -0.82 -17.96
N ILE A 37 20.71 -0.25 -19.13
CA ILE A 37 21.00 1.19 -19.27
C ILE A 37 20.10 2.02 -18.36
N SER A 38 18.91 1.52 -18.04
CA SER A 38 18.03 2.26 -17.14
C SER A 38 18.61 2.27 -15.71
N VAL A 39 19.28 1.18 -15.31
CA VAL A 39 19.98 1.16 -14.02
C VAL A 39 21.10 2.18 -13.99
N VAL A 40 21.88 2.25 -15.05
CA VAL A 40 22.96 3.25 -15.13
C VAL A 40 22.41 4.67 -14.98
N LEU A 41 21.34 4.98 -15.74
CA LEU A 41 20.77 6.34 -15.68
C LEU A 41 20.20 6.68 -14.33
N ALA A 42 19.62 5.68 -13.68
CA ALA A 42 19.04 5.85 -12.38
C ALA A 42 20.15 6.14 -11.34
N MET A 43 21.27 5.44 -11.50
CA MET A 43 22.40 5.62 -10.60
C MET A 43 22.97 7.02 -10.70
N GLU A 44 23.02 7.51 -11.93
CA GLU A 44 23.50 8.86 -12.19
C GLU A 44 22.55 9.92 -11.60
N GLU A 45 21.24 9.74 -11.71
CA GLU A 45 20.31 10.64 -11.07
C GLU A 45 20.50 10.66 -9.56
N GLU A 46 20.84 9.52 -8.99
CA GLU A 46 20.94 9.38 -7.57
C GLU A 46 22.35 9.72 -7.04
N LEU A 47 23.41 9.38 -7.77
CA LEU A 47 24.78 9.65 -7.29
C LEU A 47 25.46 10.85 -7.91
N GLY A 48 24.88 11.40 -8.95
CA GLY A 48 25.59 12.37 -9.74
C GLY A 48 26.51 11.67 -10.70
N ASN A 49 27.51 12.41 -11.15
CA ASN A 49 28.55 11.87 -11.98
C ASN A 49 29.17 10.58 -11.44
N LEU A 50 29.21 9.54 -12.29
CA LEU A 50 29.63 8.21 -11.90
C LEU A 50 31.15 8.03 -12.01
N SER A 51 31.84 8.97 -12.62
CA SER A 51 33.19 8.72 -13.10
C SER A 51 34.21 8.43 -11.99
N ASP A 52 34.00 8.97 -10.79
CA ASP A 52 34.95 8.75 -9.70
C ASP A 52 34.65 7.48 -8.88
N TYR A 53 33.57 6.75 -9.16
CA TYR A 53 33.18 5.60 -8.30
C TYR A 53 33.70 4.25 -8.84
N ARG A 54 33.91 3.32 -7.91
CA ARG A 54 34.32 1.98 -8.24
C ARG A 54 33.12 1.07 -7.97
N PHE A 55 32.77 0.26 -8.96
CA PHE A 55 31.58 -0.57 -8.92
C PHE A 55 31.89 -2.08 -8.88
N LEU A 56 31.25 -2.73 -7.93
CA LEU A 56 31.25 -4.17 -7.80
C LEU A 56 29.89 -4.65 -8.20
N VAL A 57 29.83 -5.46 -9.24
CA VAL A 57 28.54 -5.92 -9.75
C VAL A 57 28.46 -7.42 -9.46
N LEU A 58 27.42 -7.81 -8.72
CA LEU A 58 27.25 -9.19 -8.31
C LEU A 58 26.19 -9.80 -9.20
N CYS A 59 26.57 -10.74 -10.06
CA CYS A 59 25.66 -11.35 -11.04
C CYS A 59 25.38 -12.81 -10.76
N GLY A 60 24.09 -13.18 -10.79
CA GLY A 60 23.66 -14.57 -10.73
C GLY A 60 23.63 -15.11 -12.16
N GLY A 61 23.22 -16.36 -12.29
CA GLY A 61 23.22 -17.01 -13.60
C GLY A 61 21.98 -16.83 -14.44
N GLY A 62 20.99 -16.09 -13.92
CA GLY A 62 19.68 -15.89 -14.63
C GLY A 62 19.66 -14.55 -15.34
N ASN A 63 18.48 -14.10 -15.74
CA ASN A 63 18.41 -12.87 -16.49
C ASN A 63 18.62 -11.62 -15.61
N ASN A 64 18.47 -11.74 -14.29
CA ASN A 64 18.82 -10.65 -13.40
C ASN A 64 20.35 -10.40 -13.50
N GLY A 65 21.11 -11.47 -13.44
CA GLY A 65 22.53 -11.39 -13.65
C GLY A 65 22.84 -10.87 -15.03
N GLY A 66 22.07 -11.30 -16.04
CA GLY A 66 22.24 -10.74 -17.41
C GLY A 66 22.11 -9.19 -17.46
N ASP A 67 21.07 -8.68 -16.82
CA ASP A 67 20.87 -7.26 -16.63
C ASP A 67 22.13 -6.65 -15.98
N GLY A 68 22.68 -7.33 -14.98
CA GLY A 68 23.89 -6.90 -14.30
C GLY A 68 25.10 -6.79 -15.23
N PHE A 69 25.28 -7.79 -16.09
CA PHE A 69 26.32 -7.70 -17.12
C PHE A 69 26.15 -6.49 -18.05
N VAL A 70 24.91 -6.12 -18.38
CA VAL A 70 24.64 -4.94 -19.18
C VAL A 70 25.11 -3.70 -18.47
N VAL A 71 24.76 -3.63 -17.18
CA VAL A 71 25.18 -2.52 -16.37
C VAL A 71 26.70 -2.43 -16.38
N ALA A 72 27.36 -3.53 -16.03
CA ALA A 72 28.83 -3.56 -15.92
C ALA A 72 29.48 -3.11 -17.21
N ARG A 73 29.02 -3.66 -18.33
CA ARG A 73 29.62 -3.33 -19.61
C ARG A 73 29.46 -1.85 -19.94
N ASN A 74 28.29 -1.31 -19.69
CA ASN A 74 28.06 0.12 -19.90
C ASN A 74 28.82 1.09 -19.02
N LEU A 75 29.33 0.64 -17.86
CA LEU A 75 30.24 1.42 -17.03
C LEU A 75 31.72 1.36 -17.45
N LEU A 76 32.11 0.33 -18.19
CA LEU A 76 33.51 0.20 -18.63
C LEU A 76 34.06 1.44 -19.32
N GLY A 77 35.20 1.91 -18.83
CA GLY A 77 35.89 2.99 -19.49
C GLY A 77 35.35 4.33 -19.11
N VAL A 78 34.29 4.35 -18.30
CA VAL A 78 33.61 5.57 -17.94
C VAL A 78 33.71 5.83 -16.40
N VAL A 79 33.91 4.79 -15.61
CA VAL A 79 34.01 4.94 -14.16
C VAL A 79 35.42 4.52 -13.74
N LYS A 80 35.73 4.63 -12.46
CA LYS A 80 37.04 4.38 -11.98
C LYS A 80 37.43 2.91 -12.05
N ASP A 81 36.52 2.04 -11.66
CA ASP A 81 36.76 0.62 -11.76
C ASP A 81 35.45 -0.10 -11.80
N VAL A 82 35.46 -1.23 -12.51
CA VAL A 82 34.34 -2.16 -12.56
C VAL A 82 34.86 -3.57 -12.38
N LEU A 83 34.19 -4.34 -11.54
CA LEU A 83 34.46 -5.78 -11.39
C LEU A 83 33.15 -6.52 -11.26
N VAL A 84 33.00 -7.64 -11.97
CA VAL A 84 31.86 -8.50 -11.80
C VAL A 84 32.30 -9.71 -11.01
N VAL A 85 31.49 -10.07 -10.02
CA VAL A 85 31.65 -11.37 -9.35
C VAL A 85 30.48 -12.20 -9.88
N PHE A 86 30.80 -13.24 -10.64
CA PHE A 86 29.76 -14.10 -11.18
C PHE A 86 29.52 -15.26 -10.17
N LEU A 87 28.31 -15.33 -9.63
CA LEU A 87 27.99 -16.23 -8.53
C LEU A 87 27.24 -17.50 -8.93
N GLY A 88 26.83 -17.60 -10.19
CA GLY A 88 26.13 -18.81 -10.68
C GLY A 88 26.97 -19.97 -11.16
N LYS A 89 26.29 -21.08 -11.51
CA LYS A 89 26.97 -22.29 -12.04
C LYS A 89 26.79 -22.43 -13.54
N LYS A 90 25.88 -21.64 -14.10
CA LYS A 90 25.56 -21.66 -15.53
C LYS A 90 24.84 -20.37 -15.84
N LYS A 91 24.57 -20.12 -17.12
CA LYS A 91 24.01 -18.85 -17.54
C LYS A 91 22.88 -19.06 -18.51
N THR A 92 21.81 -18.30 -18.34
CA THR A 92 20.75 -18.26 -19.33
C THR A 92 21.31 -17.69 -20.63
N PRO A 93 20.61 -17.90 -21.75
CA PRO A 93 21.18 -17.42 -23.02
C PRO A 93 21.45 -15.89 -23.06
N ASP A 94 20.54 -15.09 -22.53
CA ASP A 94 20.81 -13.63 -22.53
C ASP A 94 21.87 -13.24 -21.55
N CYS A 95 21.93 -13.95 -20.42
CA CYS A 95 23.02 -13.73 -19.50
C CYS A 95 24.36 -14.11 -20.15
N GLU A 96 24.43 -15.25 -20.87
CA GLU A 96 25.64 -15.65 -21.56
C GLU A 96 26.05 -14.60 -22.61
N TYR A 97 25.05 -14.10 -23.36
CA TYR A 97 25.33 -13.10 -24.39
C TYR A 97 25.99 -11.85 -23.81
N ASN A 98 25.43 -11.33 -22.72
CA ASN A 98 25.96 -10.11 -22.11
C ASN A 98 27.25 -10.25 -21.28
N TYR A 99 27.44 -11.46 -20.74
CA TYR A 99 28.72 -11.89 -20.18
C TYR A 99 29.77 -11.87 -21.24
N GLY A 100 29.46 -12.46 -22.39
CA GLY A 100 30.38 -12.41 -23.54
C GLY A 100 30.71 -10.98 -24.00
N LEU A 101 29.69 -10.13 -24.12
CA LEU A 101 29.94 -8.72 -24.45
C LEU A 101 30.84 -8.00 -23.43
N TYR A 102 30.50 -8.16 -22.17
CA TYR A 102 31.29 -7.58 -21.07
C TYR A 102 32.77 -7.98 -21.20
N LYS A 103 33.04 -9.27 -21.38
CA LYS A 103 34.46 -9.68 -21.53
C LYS A 103 35.09 -9.15 -22.82
N LYS A 104 34.34 -9.17 -23.92
CA LYS A 104 34.89 -8.69 -25.20
C LYS A 104 35.25 -7.19 -25.12
N PHE A 105 34.49 -6.43 -24.32
CA PHE A 105 34.74 -5.01 -24.10
C PHE A 105 35.90 -4.78 -23.12
N GLY A 106 36.55 -5.82 -22.63
CA GLY A 106 37.67 -5.68 -21.66
C GLY A 106 37.31 -5.86 -20.19
N GLY A 107 36.13 -6.38 -19.89
CA GLY A 107 35.70 -6.41 -18.50
C GLY A 107 36.27 -7.61 -17.75
N LYS A 108 36.52 -7.42 -16.46
CA LYS A 108 37.07 -8.48 -15.57
C LYS A 108 35.93 -9.12 -14.78
N VAL A 109 35.90 -10.45 -14.80
CA VAL A 109 34.97 -11.27 -14.06
C VAL A 109 35.74 -12.17 -13.14
N VAL A 110 35.29 -12.34 -11.90
CA VAL A 110 35.84 -13.39 -11.04
C VAL A 110 34.64 -14.23 -10.63
N GLU A 111 34.91 -15.48 -10.24
CA GLU A 111 33.90 -16.41 -9.78
C GLU A 111 34.08 -16.74 -8.31
N GLN A 112 35.05 -16.12 -7.65
CA GLN A 112 35.25 -16.32 -6.23
C GLN A 112 35.11 -14.98 -5.51
N PHE A 113 34.24 -14.99 -4.49
CA PHE A 113 33.90 -13.83 -3.65
C PHE A 113 34.81 -13.83 -2.44
N GLU A 114 35.61 -12.79 -2.31
CA GLU A 114 36.53 -12.70 -1.18
C GLU A 114 36.04 -11.57 -0.24
N PRO A 115 35.77 -11.86 1.05
CA PRO A 115 35.17 -10.83 1.94
C PRO A 115 35.81 -9.44 1.83
N SER A 116 37.13 -9.40 1.80
CA SER A 116 37.87 -8.15 1.65
C SER A 116 37.62 -7.41 0.33
N ILE A 117 36.98 -8.06 -0.66
CA ILE A 117 36.75 -7.40 -1.97
C ILE A 117 35.88 -6.14 -1.81
N LEU A 118 34.93 -6.18 -0.89
CA LEU A 118 34.09 -5.01 -0.60
C LEU A 118 34.89 -3.77 -0.31
N ASN A 119 36.05 -3.92 0.32
CA ASN A 119 36.96 -2.79 0.61
C ASN A 119 37.39 -1.90 -0.54
N GLU A 120 37.54 -2.45 -1.73
CA GLU A 120 38.09 -1.70 -2.86
C GLU A 120 37.00 -1.10 -3.78
N PHE A 121 35.75 -1.08 -3.33
CA PHE A 121 34.63 -0.59 -4.13
C PHE A 121 33.76 0.38 -3.35
N ASP A 122 33.01 1.20 -4.07
CA ASP A 122 32.16 2.22 -3.48
C ASP A 122 30.68 1.89 -3.59
N VAL A 123 30.32 1.28 -4.71
CA VAL A 123 28.94 0.93 -5.04
C VAL A 123 28.89 -0.56 -5.36
N VAL A 124 27.92 -1.24 -4.74
CA VAL A 124 27.55 -2.58 -5.09
C VAL A 124 26.27 -2.61 -5.94
N VAL A 125 26.35 -3.26 -7.10
CA VAL A 125 25.19 -3.45 -7.94
C VAL A 125 24.76 -4.87 -7.71
N ASP A 126 23.58 -5.01 -7.12
CA ASP A 126 23.01 -6.32 -6.73
C ASP A 126 22.17 -6.88 -7.87
N ALA A 127 22.79 -7.76 -8.67
CA ALA A 127 22.10 -8.43 -9.77
C ALA A 127 22.12 -9.95 -9.59
N ILE A 128 21.91 -10.39 -8.36
CA ILE A 128 22.03 -11.81 -8.04
C ILE A 128 20.73 -12.53 -8.39
N PHE A 129 19.65 -12.20 -7.68
CA PHE A 129 18.30 -12.74 -7.99
C PHE A 129 17.27 -11.64 -8.17
N GLY A 130 16.40 -11.80 -9.15
CA GLY A 130 15.27 -10.89 -9.31
C GLY A 130 13.97 -11.62 -9.02
N THR A 131 13.07 -11.60 -9.99
CA THR A 131 11.78 -12.26 -9.87
C THR A 131 11.92 -13.78 -9.92
N GLY A 132 13.10 -14.30 -10.28
CA GLY A 132 13.30 -15.75 -10.41
C GLY A 132 13.72 -16.44 -9.12
N LEU A 133 13.87 -15.68 -8.06
CA LEU A 133 14.16 -16.26 -6.75
C LEU A 133 13.16 -17.33 -6.44
N ARG A 134 13.63 -18.50 -6.04
CA ARG A 134 12.73 -19.55 -5.59
C ARG A 134 13.37 -20.17 -4.33
N GLY A 135 12.64 -20.14 -3.24
CA GLY A 135 13.08 -20.70 -1.98
C GLY A 135 14.14 -19.88 -1.27
N GLU A 136 14.43 -20.33 -0.05
CA GLU A 136 15.37 -19.72 0.84
C GLU A 136 16.74 -19.63 0.19
N ILE A 137 17.40 -18.50 0.46
CA ILE A 137 18.81 -18.28 0.09
C ILE A 137 19.80 -18.83 1.14
N THR A 138 20.69 -19.69 0.72
CA THR A 138 21.69 -20.21 1.63
C THR A 138 23.07 -20.17 1.02
N GLY A 139 24.04 -20.67 1.78
CA GLY A 139 25.33 -20.98 1.22
C GLY A 139 26.10 -19.74 0.86
N GLU A 140 26.85 -19.86 -0.22
CA GLU A 140 27.69 -18.80 -0.75
C GLU A 140 26.82 -17.56 -0.90
N TYR A 141 25.70 -17.68 -1.61
CA TYR A 141 24.78 -16.56 -1.85
C TYR A 141 24.44 -15.79 -0.56
N ALA A 142 24.02 -16.50 0.49
CA ALA A 142 23.67 -15.87 1.75
C ALA A 142 24.88 -15.14 2.39
N GLU A 143 26.06 -15.77 2.39
CA GLU A 143 27.23 -15.14 3.04
C GLU A 143 27.56 -13.86 2.34
N ILE A 144 27.44 -13.88 1.02
CA ILE A 144 27.73 -12.73 0.25
C ILE A 144 26.72 -11.57 0.53
N ILE A 145 25.43 -11.88 0.53
CA ILE A 145 24.37 -10.90 0.87
C ILE A 145 24.58 -10.31 2.27
N ASN A 146 24.94 -11.17 3.24
CA ASN A 146 25.24 -10.72 4.60
C ASN A 146 26.50 -9.81 4.67
N LEU A 147 27.52 -10.12 3.90
CA LEU A 147 28.71 -9.29 3.76
C LEU A 147 28.38 -7.91 3.14
N VAL A 148 27.53 -7.87 2.10
CA VAL A 148 27.12 -6.63 1.48
C VAL A 148 26.31 -5.77 2.50
N ASN A 149 25.37 -6.37 3.22
CA ASN A 149 24.61 -5.63 4.23
C ASN A 149 25.46 -5.14 5.42
N LYS A 150 26.61 -5.75 5.68
CA LYS A 150 27.51 -5.21 6.75
C LYS A 150 28.53 -4.20 6.21
N SER A 151 28.53 -3.91 4.93
CA SER A 151 29.66 -3.24 4.29
C SER A 151 29.62 -1.72 4.40
N GLY A 152 28.42 -1.16 4.49
CA GLY A 152 28.23 0.27 4.49
C GLY A 152 28.38 0.95 3.12
N LYS A 153 28.50 0.16 2.06
CA LYS A 153 28.62 0.71 0.73
C LYS A 153 27.24 1.11 0.21
N VAL A 154 27.23 1.93 -0.82
CA VAL A 154 26.02 2.22 -1.58
C VAL A 154 25.54 0.98 -2.34
N VAL A 155 24.30 0.57 -2.12
CA VAL A 155 23.75 -0.61 -2.79
C VAL A 155 22.61 -0.29 -3.74
N VAL A 156 22.75 -0.78 -4.97
CA VAL A 156 21.79 -0.56 -6.01
C VAL A 156 21.30 -1.94 -6.46
N SER A 157 20.00 -2.21 -6.28
CA SER A 157 19.46 -3.51 -6.70
C SER A 157 18.77 -3.45 -8.02
N VAL A 158 19.07 -4.47 -8.81
CA VAL A 158 18.48 -4.65 -10.12
C VAL A 158 17.16 -5.46 -9.98
N ASP A 159 16.06 -4.81 -10.34
CA ASP A 159 14.66 -5.28 -10.34
C ASP A 159 14.02 -5.41 -8.93
N VAL A 160 14.66 -6.17 -8.08
CA VAL A 160 14.16 -6.44 -6.74
C VAL A 160 15.40 -6.72 -5.91
N PRO A 161 15.48 -6.24 -4.66
CA PRO A 161 16.63 -6.67 -3.83
C PRO A 161 16.68 -8.18 -3.68
N SER A 162 17.84 -8.77 -3.88
CA SER A 162 17.95 -10.22 -3.91
C SER A 162 17.55 -10.79 -2.59
N GLY A 163 16.66 -11.78 -2.58
CA GLY A 163 16.19 -12.31 -1.35
C GLY A 163 14.77 -11.91 -1.02
N ILE A 164 14.22 -10.91 -1.68
CA ILE A 164 12.82 -10.57 -1.49
C ILE A 164 11.96 -11.33 -2.49
N ASP A 165 10.89 -11.98 -2.03
CA ASP A 165 9.91 -12.62 -2.91
C ASP A 165 9.06 -11.53 -3.56
N SER A 166 9.23 -11.38 -4.86
CA SER A 166 8.63 -10.31 -5.59
C SER A 166 7.10 -10.35 -5.62
N ASN A 167 6.51 -11.49 -5.31
CA ASN A 167 5.06 -11.63 -5.20
C ASN A 167 4.47 -11.38 -3.84
N THR A 168 5.27 -11.38 -2.80
CA THR A 168 4.72 -11.26 -1.46
C THR A 168 5.42 -10.19 -0.61
N GLY A 169 6.69 -9.88 -0.92
CA GLY A 169 7.48 -8.98 -0.07
C GLY A 169 8.15 -9.62 1.10
N LYS A 170 8.05 -10.93 1.22
CA LYS A 170 8.71 -11.66 2.29
C LYS A 170 10.19 -11.83 2.03
N VAL A 171 10.98 -11.93 3.11
CA VAL A 171 12.43 -12.20 2.94
C VAL A 171 12.67 -13.74 2.96
N LEU A 172 13.37 -14.28 1.96
CA LEU A 172 13.59 -15.72 1.87
C LEU A 172 14.95 -16.04 2.53
N ARG A 173 14.91 -16.06 3.87
CA ARG A 173 16.05 -16.22 4.76
C ARG A 173 16.91 -15.00 4.98
N THR A 174 17.44 -14.46 3.91
CA THR A 174 18.15 -13.20 4.02
C THR A 174 17.96 -12.43 2.72
N ALA A 175 18.13 -11.11 2.78
CA ALA A 175 17.97 -10.27 1.59
C ALA A 175 18.78 -9.02 1.66
N VAL A 176 19.13 -8.54 0.49
CA VAL A 176 19.89 -7.30 0.34
C VAL A 176 19.09 -6.10 0.78
N LYS A 177 19.72 -5.21 1.54
CA LYS A 177 19.11 -3.95 1.87
C LYS A 177 19.64 -2.92 0.90
N ALA A 178 18.81 -2.41 0.03
CA ALA A 178 19.26 -1.50 -1.05
C ALA A 178 19.02 -0.04 -0.68
N ASP A 179 19.92 0.82 -1.13
CA ASP A 179 19.65 2.29 -1.15
C ASP A 179 18.74 2.71 -2.29
N LEU A 180 18.87 2.02 -3.43
CA LEU A 180 18.12 2.31 -4.65
C LEU A 180 17.76 1.01 -5.36
N THR A 181 16.51 0.84 -5.75
CA THR A 181 16.11 -0.35 -6.50
C THR A 181 15.57 0.19 -7.82
N VAL A 182 16.04 -0.36 -8.93
CA VAL A 182 15.49 0.00 -10.21
C VAL A 182 14.72 -1.19 -10.77
N THR A 183 13.43 -1.01 -10.92
CA THR A 183 12.56 -2.08 -11.40
C THR A 183 11.99 -1.80 -12.77
N PHE A 184 11.53 -2.83 -13.48
CA PHE A 184 11.27 -2.69 -14.92
C PHE A 184 9.78 -2.87 -15.22
N GLY A 185 9.20 -1.89 -15.89
CA GLY A 185 7.79 -1.98 -16.34
C GLY A 185 6.85 -1.47 -15.28
N VAL A 186 6.73 -2.22 -14.18
CA VAL A 186 5.81 -1.89 -13.10
C VAL A 186 6.46 -2.23 -11.76
N PRO A 187 6.03 -1.56 -10.68
CA PRO A 187 6.42 -2.02 -9.35
C PRO A 187 5.94 -3.44 -9.12
N LYS A 188 6.71 -4.21 -8.38
CA LYS A 188 6.29 -5.53 -7.95
C LYS A 188 5.64 -5.48 -6.58
N ILE A 189 4.82 -6.48 -6.29
CA ILE A 189 4.17 -6.52 -4.99
C ILE A 189 5.19 -6.50 -3.85
N GLY A 190 6.34 -7.13 -4.09
CA GLY A 190 7.40 -7.14 -3.08
C GLY A 190 8.13 -5.84 -2.79
N HIS A 191 7.97 -4.83 -3.64
CA HIS A 191 8.40 -3.48 -3.36
C HIS A 191 7.39 -2.72 -2.47
N ILE A 192 6.15 -3.20 -2.43
CA ILE A 192 4.99 -2.47 -1.91
C ILE A 192 4.63 -2.93 -0.52
N LEU A 193 4.75 -4.24 -0.31
CA LEU A 193 4.47 -4.83 0.97
C LEU A 193 5.78 -4.99 1.77
N PHE A 194 5.65 -4.99 3.08
CA PHE A 194 6.81 -5.10 3.98
C PHE A 194 6.98 -6.60 4.30
N PRO A 195 8.22 -7.04 4.58
CA PRO A 195 9.44 -6.23 4.75
C PRO A 195 10.06 -5.74 3.46
N GLY A 196 9.67 -6.28 2.31
CA GLY A 196 10.26 -5.87 1.05
C GLY A 196 10.33 -4.37 0.78
N ARG A 197 9.28 -3.68 1.17
CA ARG A 197 9.20 -2.25 0.93
C ARG A 197 10.35 -1.57 1.63
N ASP A 198 10.70 -2.08 2.79
CA ASP A 198 11.76 -1.45 3.56
C ASP A 198 13.14 -1.71 2.93
N LEU A 199 13.33 -2.88 2.37
CA LEU A 199 14.62 -3.23 1.84
C LEU A 199 14.90 -2.63 0.43
N THR A 200 13.85 -2.10 -0.22
CA THR A 200 13.88 -1.59 -1.58
C THR A 200 14.60 -0.27 -1.59
N GLY A 201 14.51 0.49 -0.48
CA GLY A 201 15.02 1.80 -0.43
C GLY A 201 14.25 2.65 -1.45
N LYS A 202 14.94 3.58 -2.10
CA LYS A 202 14.30 4.39 -3.12
C LYS A 202 13.99 3.60 -4.36
N LEU A 203 12.74 3.63 -4.80
CA LEU A 203 12.33 2.80 -5.95
C LEU A 203 12.13 3.67 -7.20
N LYS A 204 12.79 3.30 -8.30
CA LYS A 204 12.54 3.90 -9.59
C LYS A 204 11.94 2.84 -10.51
N VAL A 205 10.88 3.19 -11.22
CA VAL A 205 10.28 2.26 -12.18
C VAL A 205 10.62 2.73 -13.59
N ALA A 206 11.31 1.88 -14.31
CA ALA A 206 11.86 2.22 -15.63
C ALA A 206 11.02 1.60 -16.71
N ASN A 207 10.75 2.39 -17.75
CA ASN A 207 10.19 1.95 -19.00
C ASN A 207 11.31 1.29 -19.85
N ILE A 208 11.18 -0.01 -20.13
CA ILE A 208 12.22 -0.71 -20.90
C ILE A 208 11.71 -1.15 -22.29
N GLY A 209 10.51 -0.72 -22.63
CA GLY A 209 10.01 -0.83 -24.03
C GLY A 209 8.78 -1.69 -24.20
N HIS A 210 8.20 -2.20 -23.10
CA HIS A 210 6.93 -2.93 -23.21
C HIS A 210 5.84 -2.05 -23.81
N PRO A 211 4.96 -2.62 -24.63
CA PRO A 211 3.81 -1.84 -25.07
C PRO A 211 3.01 -1.29 -23.89
N VAL A 212 2.63 -0.02 -24.03
CA VAL A 212 2.00 0.66 -22.92
C VAL A 212 0.65 0.01 -22.52
N HIS A 213 -0.15 -0.45 -23.46
CA HIS A 213 -1.39 -1.12 -23.07
C HIS A 213 -1.15 -2.45 -22.32
N LEU A 214 -0.02 -3.12 -22.51
CA LEU A 214 0.24 -4.31 -21.68
C LEU A 214 0.56 -3.88 -20.24
N ILE A 215 1.38 -2.84 -20.09
CA ILE A 215 1.71 -2.28 -18.78
C ILE A 215 0.44 -1.84 -18.04
N ASN A 216 -0.49 -1.26 -18.77
CA ASN A 216 -1.75 -0.81 -18.17
C ASN A 216 -2.72 -1.96 -17.91
N SER A 217 -2.38 -3.18 -18.33
CA SER A 217 -3.30 -4.30 -18.19
C SER A 217 -3.17 -4.92 -16.79
N ILE A 218 -2.24 -4.42 -15.99
CA ILE A 218 -2.05 -4.93 -14.63
C ILE A 218 -3.27 -4.57 -13.77
N ASN A 219 -3.73 -5.49 -12.91
CA ASN A 219 -5.01 -5.32 -12.17
C ASN A 219 -4.82 -4.88 -10.69
N ARG A 220 -3.57 -4.78 -10.26
CA ARG A 220 -3.22 -4.35 -8.93
C ARG A 220 -2.30 -3.13 -9.04
N TYR A 221 -2.67 -2.04 -8.36
CA TYR A 221 -2.07 -0.71 -8.61
C TYR A 221 -1.64 -0.09 -7.28
N VAL A 222 -0.60 0.75 -7.34
CA VAL A 222 -0.32 1.67 -6.24
C VAL A 222 -1.22 2.87 -6.40
N ILE A 223 -1.79 3.34 -5.30
CA ILE A 223 -2.65 4.53 -5.32
C ILE A 223 -1.71 5.77 -5.43
N THR A 224 -1.89 6.56 -6.49
CA THR A 224 -1.06 7.72 -6.72
C THR A 224 -1.81 8.98 -6.53
N ARG A 225 -1.03 10.05 -6.37
CA ARG A 225 -1.55 11.37 -6.26
C ARG A 225 -2.48 11.70 -7.43
N GLU A 226 -2.08 11.31 -8.65
CA GLU A 226 -2.85 11.67 -9.84
C GLU A 226 -4.18 10.93 -9.81
N MET A 227 -4.16 9.70 -9.35
CA MET A 227 -5.40 8.92 -9.30
C MET A 227 -6.39 9.55 -8.28
N VAL A 228 -5.89 9.95 -7.14
CA VAL A 228 -6.73 10.52 -6.10
C VAL A 228 -7.24 11.91 -6.54
N ARG A 229 -6.37 12.70 -7.18
CA ARG A 229 -6.82 14.00 -7.73
C ARG A 229 -8.00 13.83 -8.67
N SER A 230 -7.97 12.87 -9.57
CA SER A 230 -9.06 12.68 -10.51
C SER A 230 -10.36 12.16 -9.87
N LEU A 231 -10.27 11.50 -8.70
CA LEU A 231 -11.45 11.02 -7.99
C LEU A 231 -12.09 12.01 -7.01
N LEU A 232 -11.38 13.04 -6.60
CA LEU A 232 -11.94 13.99 -5.62
C LEU A 232 -13.23 14.59 -6.18
N PRO A 233 -14.33 14.56 -5.43
CA PRO A 233 -15.58 15.10 -5.98
C PRO A 233 -15.53 16.62 -6.26
N GLU A 234 -16.36 17.05 -7.20
CA GLU A 234 -16.44 18.46 -7.62
C GLU A 234 -17.18 19.25 -6.54
N ARG A 235 -16.85 20.52 -6.42
CA ARG A 235 -17.59 21.37 -5.50
C ARG A 235 -18.29 22.44 -6.35
N PRO A 236 -19.46 22.14 -6.92
CA PRO A 236 -20.15 23.18 -7.71
C PRO A 236 -20.51 24.36 -6.81
N ARG A 237 -20.31 25.55 -7.35
CA ARG A 237 -20.55 26.73 -6.54
C ARG A 237 -21.97 26.86 -6.06
N ASP A 238 -22.94 26.54 -6.91
CA ASP A 238 -24.32 26.63 -6.51
C ASP A 238 -24.70 25.32 -5.81
N SER A 239 -24.44 25.24 -4.53
CA SER A 239 -24.63 23.99 -3.76
C SER A 239 -25.18 24.37 -2.38
N HIS A 240 -25.58 23.35 -1.64
CA HIS A 240 -26.07 23.52 -0.28
C HIS A 240 -25.63 22.25 0.47
N LYS A 241 -25.82 22.22 1.76
CA LYS A 241 -25.18 21.14 2.47
C LYS A 241 -25.58 19.74 1.98
N GLY A 242 -26.83 19.58 1.58
CA GLY A 242 -27.31 18.36 1.03
C GLY A 242 -26.59 17.89 -0.21
N THR A 243 -26.07 18.84 -0.99
CA THR A 243 -25.23 18.50 -2.14
C THR A 243 -24.09 17.56 -1.73
N TYR A 244 -23.55 17.77 -0.52
CA TYR A 244 -22.34 17.13 -0.06
C TYR A 244 -22.60 15.95 0.91
N GLY A 245 -23.84 15.55 0.99
CA GLY A 245 -24.23 14.32 1.70
C GLY A 245 -24.38 14.43 3.20
N LYS A 246 -25.00 13.39 3.75
CA LYS A 246 -25.29 13.31 5.17
C LYS A 246 -24.83 11.92 5.63
N VAL A 247 -24.18 11.90 6.77
CA VAL A 247 -23.61 10.71 7.37
C VAL A 247 -24.24 10.58 8.77
N LEU A 248 -24.62 9.36 9.12
CA LEU A 248 -24.89 8.98 10.49
C LEU A 248 -23.71 8.09 10.98
N ILE A 249 -23.15 8.40 12.15
CA ILE A 249 -22.17 7.58 12.81
C ILE A 249 -22.77 7.00 14.08
N ILE A 250 -22.82 5.68 14.16
CA ILE A 250 -23.32 4.97 15.34
C ILE A 250 -22.07 4.42 16.05
N ALA A 251 -21.75 4.98 17.20
CA ALA A 251 -20.42 4.82 17.80
C ALA A 251 -20.46 5.17 19.30
N GLY A 252 -19.48 4.67 20.03
CA GLY A 252 -19.27 5.05 21.41
C GLY A 252 -20.04 4.22 22.40
N SER A 253 -19.71 4.45 23.66
CA SER A 253 -20.16 3.66 24.80
C SER A 253 -19.70 4.40 26.03
N ARG A 254 -20.12 3.95 27.20
CA ARG A 254 -19.67 4.55 28.45
C ARG A 254 -18.13 4.37 28.61
N LEU A 255 -17.59 3.29 28.03
CA LEU A 255 -16.17 3.02 28.07
C LEU A 255 -15.37 3.82 27.05
N TYR A 256 -15.93 4.05 25.85
CA TYR A 256 -15.16 4.64 24.73
C TYR A 256 -15.87 5.89 24.20
N SER A 257 -15.70 7.01 24.88
CA SER A 257 -16.50 8.19 24.60
C SER A 257 -15.91 9.04 23.49
N GLY A 258 -14.61 8.87 23.24
CA GLY A 258 -13.93 9.70 22.24
C GLY A 258 -14.05 9.30 20.80
N ALA A 259 -14.22 8.00 20.54
CA ALA A 259 -14.24 7.53 19.16
C ALA A 259 -15.24 8.27 18.23
N PRO A 260 -16.49 8.50 18.69
CA PRO A 260 -17.52 9.16 17.82
C PRO A 260 -17.09 10.53 17.31
N VAL A 261 -16.39 11.26 18.16
CA VAL A 261 -15.91 12.56 17.87
C VAL A 261 -14.88 12.59 16.69
N LEU A 262 -13.92 11.69 16.74
CA LEU A 262 -12.92 11.56 15.73
C LEU A 262 -13.53 11.13 14.41
N SER A 263 -14.44 10.17 14.45
CA SER A 263 -15.10 9.72 13.23
C SER A 263 -15.93 10.82 12.58
N GLY A 264 -16.73 11.53 13.39
CA GLY A 264 -17.55 12.64 12.88
C GLY A 264 -16.74 13.73 12.23
N MET A 265 -15.69 14.18 12.91
CA MET A 265 -14.89 15.25 12.36
C MET A 265 -14.15 14.75 11.13
N GLY A 266 -13.81 13.45 11.11
CA GLY A 266 -13.24 12.89 9.88
C GLY A 266 -14.19 13.08 8.65
N SER A 267 -15.48 12.85 8.84
CA SER A 267 -16.46 13.13 7.75
C SER A 267 -16.49 14.61 7.42
N LEU A 268 -16.53 15.47 8.44
CA LEU A 268 -16.66 16.89 8.12
C LEU A 268 -15.43 17.48 7.42
N LYS A 269 -14.25 17.06 7.83
CA LYS A 269 -13.01 17.63 7.28
C LYS A 269 -12.77 17.27 5.78
N VAL A 270 -13.43 16.23 5.28
CA VAL A 270 -13.33 15.84 3.86
C VAL A 270 -14.46 16.45 3.02
N GLY A 271 -15.30 17.25 3.65
CA GLY A 271 -16.25 18.09 2.94
C GLY A 271 -17.69 17.64 2.98
N THR A 272 -18.01 16.72 3.88
CA THR A 272 -19.40 16.21 3.99
C THR A 272 -20.31 17.32 4.50
N GLY A 273 -21.57 17.33 4.11
CA GLY A 273 -22.45 18.44 4.44
C GLY A 273 -23.07 18.42 5.83
N LEU A 274 -23.46 17.23 6.28
CA LEU A 274 -24.09 17.10 7.59
C LEU A 274 -23.62 15.79 8.20
N VAL A 275 -23.20 15.85 9.46
CA VAL A 275 -22.80 14.66 10.21
C VAL A 275 -23.54 14.62 11.51
N LYS A 276 -24.21 13.48 11.73
CA LYS A 276 -24.88 13.17 12.95
C LYS A 276 -24.28 11.98 13.59
N LEU A 277 -24.06 12.05 14.89
CA LEU A 277 -23.60 10.91 15.68
C LEU A 277 -24.76 10.42 16.51
N ALA A 278 -24.83 9.11 16.74
CA ALA A 278 -25.71 8.57 17.77
C ALA A 278 -24.84 7.86 18.82
N VAL A 279 -24.88 8.36 20.04
CA VAL A 279 -23.93 8.01 21.07
C VAL A 279 -24.71 7.89 22.36
N PRO A 280 -24.42 6.88 23.17
CA PRO A 280 -25.13 6.76 24.43
C PRO A 280 -24.98 7.99 25.31
N PHE A 281 -26.10 8.44 25.86
CA PHE A 281 -26.14 9.54 26.80
C PHE A 281 -25.43 9.15 28.08
N PRO A 282 -24.63 10.05 28.69
CA PRO A 282 -24.31 11.45 28.39
C PRO A 282 -23.02 11.59 27.59
N GLN A 283 -22.48 10.47 27.09
CA GLN A 283 -21.21 10.49 26.30
C GLN A 283 -21.39 11.27 25.00
N ASN A 284 -22.63 11.40 24.55
CA ASN A 284 -22.90 12.16 23.32
C ASN A 284 -22.48 13.63 23.47
N LEU A 285 -22.54 14.15 24.68
CA LEU A 285 -22.20 15.58 24.93
C LEU A 285 -20.71 15.93 24.83
N ILE A 286 -19.86 14.89 24.89
CA ILE A 286 -18.43 15.03 24.68
C ILE A 286 -18.18 15.62 23.29
N ALA A 287 -18.96 15.19 22.30
CA ALA A 287 -18.66 15.52 20.91
C ALA A 287 -18.90 16.99 20.61
N THR A 288 -20.04 17.54 21.07
CA THR A 288 -20.38 18.91 20.77
C THR A 288 -19.58 19.87 21.70
N SER A 289 -19.11 19.38 22.85
CA SER A 289 -18.23 20.16 23.67
C SER A 289 -16.90 20.45 22.96
N ARG A 290 -16.43 19.55 22.12
CA ARG A 290 -15.17 19.77 21.39
C ARG A 290 -15.41 20.43 19.99
N PHE A 291 -16.46 20.01 19.30
CA PHE A 291 -16.79 20.43 17.97
C PHE A 291 -18.31 20.66 17.81
N PRO A 292 -18.75 21.90 18.04
CA PRO A 292 -20.16 22.16 18.12
C PRO A 292 -20.86 22.12 16.79
N GLU A 293 -20.10 21.95 15.67
CA GLU A 293 -20.70 21.79 14.36
C GLU A 293 -21.24 20.38 14.16
N LEU A 294 -20.88 19.44 15.04
CA LEU A 294 -21.43 18.10 14.98
C LEU A 294 -22.83 18.08 15.61
N ILE A 295 -23.68 17.21 15.10
CA ILE A 295 -24.92 16.86 15.77
C ILE A 295 -24.61 15.57 16.52
N SER A 296 -24.87 15.52 17.83
CA SER A 296 -24.58 14.33 18.63
C SER A 296 -25.82 13.95 19.41
N VAL A 297 -26.56 12.98 18.86
CA VAL A 297 -27.88 12.62 19.36
C VAL A 297 -27.70 11.70 20.58
N PRO A 298 -28.41 11.99 21.69
CA PRO A 298 -28.30 11.16 22.88
C PRO A 298 -29.15 9.87 22.73
N ILE A 299 -28.54 8.72 22.95
CA ILE A 299 -29.29 7.45 22.89
C ILE A 299 -29.38 6.97 24.33
N ASP A 300 -30.61 6.71 24.78
CA ASP A 300 -30.86 6.20 26.12
C ASP A 300 -30.58 4.71 26.12
N THR A 301 -29.58 4.30 26.89
CA THR A 301 -29.21 2.91 26.96
C THR A 301 -29.41 2.40 28.38
N GLU A 302 -29.44 1.09 28.53
CA GLU A 302 -29.61 0.51 29.84
C GLU A 302 -28.36 0.62 30.69
N LYS A 303 -27.20 0.24 30.15
CA LYS A 303 -25.93 0.16 30.90
C LYS A 303 -24.77 0.88 30.19
N GLY A 304 -25.04 1.74 29.21
CA GLY A 304 -23.98 2.50 28.55
C GLY A 304 -23.53 1.96 27.23
N PHE A 305 -24.22 0.93 26.71
CA PHE A 305 -23.93 0.35 25.43
C PHE A 305 -25.21 0.22 24.58
N PHE A 306 -25.07 0.38 23.27
CA PHE A 306 -26.14 0.03 22.32
C PHE A 306 -26.62 -1.41 22.55
N SER A 307 -27.93 -1.60 22.42
CA SER A 307 -28.57 -2.90 22.52
C SER A 307 -29.77 -2.89 21.60
N LEU A 308 -30.43 -4.03 21.48
CA LEU A 308 -31.62 -4.13 20.66
C LEU A 308 -32.67 -3.10 21.00
N GLN A 309 -32.71 -2.61 22.24
CA GLN A 309 -33.69 -1.59 22.56
C GLN A 309 -33.46 -0.28 21.75
N ASN A 310 -32.28 -0.12 21.16
CA ASN A 310 -32.01 1.07 20.37
C ASN A 310 -32.16 0.85 18.88
N LEU A 311 -32.63 -0.33 18.48
CA LEU A 311 -32.65 -0.71 17.06
C LEU A 311 -33.54 0.24 16.25
N GLN A 312 -34.76 0.44 16.74
CA GLN A 312 -35.73 1.24 16.03
C GLN A 312 -35.29 2.69 15.90
N GLU A 313 -34.74 3.26 16.96
CA GLU A 313 -34.34 4.65 16.89
C GLU A 313 -33.20 4.86 15.88
N CYS A 314 -32.25 3.91 15.82
CA CYS A 314 -31.14 4.02 14.87
C CYS A 314 -31.60 3.88 13.43
N LEU A 315 -32.56 2.99 13.20
CA LEU A 315 -33.10 2.80 11.86
C LEU A 315 -33.83 4.08 11.44
N GLU A 316 -34.56 4.70 12.39
CA GLU A 316 -35.21 5.97 12.09
C GLU A 316 -34.26 7.11 11.73
N LEU A 317 -33.15 7.21 12.47
CA LEU A 317 -32.14 8.20 12.19
C LEU A 317 -31.46 7.95 10.84
N SER A 318 -31.31 6.67 10.47
CA SER A 318 -30.74 6.29 9.16
C SER A 318 -31.56 6.71 7.95
N LYS A 319 -32.87 6.85 8.12
CA LYS A 319 -33.72 7.20 6.98
C LYS A 319 -33.31 8.49 6.28
N ASP A 320 -32.84 9.48 7.03
CA ASP A 320 -32.58 10.81 6.49
C ASP A 320 -31.09 11.06 6.20
N VAL A 321 -30.27 9.99 6.10
CA VAL A 321 -28.87 10.13 5.74
C VAL A 321 -28.55 9.30 4.49
N ASP A 322 -27.37 9.52 3.92
CA ASP A 322 -26.89 8.81 2.74
C ASP A 322 -26.06 7.56 3.08
N VAL A 323 -25.32 7.61 4.17
CA VAL A 323 -24.39 6.56 4.54
C VAL A 323 -24.40 6.46 6.09
N VAL A 324 -24.19 5.25 6.57
CA VAL A 324 -24.06 4.97 7.99
C VAL A 324 -22.69 4.34 8.27
N ALA A 325 -21.93 4.93 9.20
CA ALA A 325 -20.70 4.34 9.74
C ALA A 325 -21.04 3.77 11.14
N ILE A 326 -20.55 2.60 11.44
CA ILE A 326 -20.86 1.95 12.70
C ILE A 326 -19.64 1.23 13.25
N GLY A 327 -19.42 1.26 14.58
CA GLY A 327 -18.42 0.43 15.22
C GLY A 327 -17.40 1.04 16.17
N PRO A 328 -16.86 2.22 15.83
CA PRO A 328 -15.80 2.80 16.71
C PRO A 328 -16.34 2.99 18.13
N GLY A 329 -15.62 2.39 19.08
CA GLY A 329 -15.95 2.47 20.49
C GLY A 329 -17.29 1.87 20.93
N LEU A 330 -17.91 0.99 20.15
CA LEU A 330 -19.17 0.41 20.63
C LEU A 330 -19.02 -0.52 21.80
N GLY A 331 -17.85 -1.14 21.95
CA GLY A 331 -17.77 -2.24 22.90
C GLY A 331 -18.14 -3.54 22.21
N ASN A 332 -17.88 -4.64 22.88
CA ASN A 332 -18.07 -5.89 22.25
C ASN A 332 -18.53 -6.83 23.36
N ASN A 333 -19.84 -6.88 23.53
CA ASN A 333 -20.54 -7.80 24.42
C ASN A 333 -21.74 -8.30 23.60
N GLU A 334 -22.51 -9.20 24.19
CA GLU A 334 -23.61 -9.87 23.49
C GLU A 334 -24.72 -8.94 23.02
N HIS A 335 -25.03 -7.93 23.81
CA HIS A 335 -26.09 -6.99 23.47
C HIS A 335 -25.68 -6.12 22.28
N VAL A 336 -24.40 -5.72 22.24
CA VAL A 336 -23.88 -5.00 21.08
C VAL A 336 -23.94 -5.90 19.82
N ARG A 337 -23.51 -7.15 19.93
CA ARG A 337 -23.52 -8.08 18.80
C ARG A 337 -24.95 -8.21 18.23
N GLU A 338 -25.97 -8.37 19.07
CA GLU A 338 -27.34 -8.51 18.57
C GLU A 338 -27.80 -7.24 17.85
N PHE A 339 -27.55 -6.09 18.47
CA PHE A 339 -27.85 -4.81 17.84
C PHE A 339 -27.12 -4.61 16.49
N VAL A 340 -25.81 -4.76 16.47
CA VAL A 340 -25.04 -4.53 15.22
C VAL A 340 -25.59 -5.40 14.05
N ASN A 341 -25.78 -6.69 14.31
CA ASN A 341 -26.19 -7.59 13.26
C ASN A 341 -27.65 -7.37 12.82
N GLU A 342 -28.56 -7.16 13.75
CA GLU A 342 -29.93 -6.85 13.36
C GLU A 342 -30.00 -5.51 12.62
N PHE A 343 -29.23 -4.51 13.06
CA PHE A 343 -29.24 -3.23 12.39
C PHE A 343 -28.75 -3.35 10.95
N LEU A 344 -27.56 -3.91 10.77
CA LEU A 344 -27.00 -4.07 9.41
C LEU A 344 -27.88 -4.93 8.47
N LYS A 345 -28.54 -5.93 9.03
CA LYS A 345 -29.45 -6.77 8.28
C LYS A 345 -30.61 -5.95 7.76
N THR A 346 -31.05 -4.95 8.50
CA THR A 346 -32.20 -4.16 8.14
C THR A 346 -31.86 -2.85 7.41
N LEU A 347 -30.66 -2.33 7.60
CA LEU A 347 -30.30 -1.06 7.03
C LEU A 347 -30.16 -1.12 5.50
N GLU A 348 -30.94 -0.30 4.82
CA GLU A 348 -30.85 -0.26 3.36
C GLU A 348 -30.13 0.99 2.90
N LYS A 349 -28.94 1.21 3.45
CA LYS A 349 -28.07 2.32 3.09
C LYS A 349 -26.65 1.71 3.03
N PRO A 350 -25.73 2.32 2.27
CA PRO A 350 -24.34 1.89 2.39
C PRO A 350 -23.86 2.00 3.85
N ALA A 351 -23.02 1.05 4.25
CA ALA A 351 -22.49 0.99 5.60
C ALA A 351 -20.98 0.96 5.57
N VAL A 352 -20.34 1.67 6.50
CA VAL A 352 -18.92 1.56 6.71
C VAL A 352 -18.78 0.93 8.10
N ILE A 353 -18.17 -0.24 8.14
CA ILE A 353 -18.19 -1.14 9.31
C ILE A 353 -16.76 -1.25 9.82
N ASP A 354 -16.55 -0.83 11.06
CA ASP A 354 -15.22 -0.70 11.67
C ASP A 354 -15.18 -1.25 13.08
N ALA A 355 -13.97 -1.53 13.54
CA ALA A 355 -13.69 -1.72 14.99
C ALA A 355 -14.57 -2.75 15.67
N ASP A 356 -15.26 -2.35 16.73
CA ASP A 356 -16.16 -3.29 17.43
C ASP A 356 -17.31 -3.83 16.61
N ALA A 357 -17.79 -3.13 15.58
CA ALA A 357 -18.83 -3.69 14.69
C ALA A 357 -18.27 -4.86 13.86
N ILE A 358 -16.99 -4.78 13.48
CA ILE A 358 -16.32 -5.93 12.85
C ILE A 358 -16.14 -7.07 13.85
N ASN A 359 -15.63 -6.78 15.04
CA ASN A 359 -15.49 -7.83 16.08
C ASN A 359 -16.76 -8.64 16.40
N VAL A 360 -17.95 -8.04 16.27
CA VAL A 360 -19.20 -8.78 16.51
C VAL A 360 -19.97 -9.18 15.25
N LEU A 361 -19.41 -8.88 14.09
CA LEU A 361 -20.09 -9.07 12.84
C LEU A 361 -20.34 -10.55 12.54
N ASP A 362 -21.57 -10.86 12.15
CA ASP A 362 -21.92 -12.16 11.52
C ASP A 362 -21.81 -11.94 9.99
N THR A 363 -20.80 -12.54 9.38
CA THR A 363 -20.55 -12.32 7.95
C THR A 363 -21.71 -12.77 7.05
N SER A 364 -22.56 -13.67 7.55
CA SER A 364 -23.84 -13.98 6.87
C SER A 364 -24.64 -12.75 6.55
N VAL A 365 -24.67 -11.80 7.50
CA VAL A 365 -25.37 -10.54 7.29
C VAL A 365 -24.87 -9.78 6.05
N LEU A 366 -23.57 -9.80 5.77
CA LEU A 366 -23.03 -9.13 4.57
C LEU A 366 -23.47 -9.76 3.30
N LYS A 367 -23.57 -11.10 3.33
CA LYS A 367 -24.03 -11.83 2.19
C LYS A 367 -25.47 -11.50 1.87
N GLU A 368 -26.30 -11.20 2.86
CA GLU A 368 -27.72 -10.96 2.56
C GLU A 368 -28.08 -9.49 2.34
N ARG A 369 -27.14 -8.58 2.63
CA ARG A 369 -27.41 -7.17 2.41
C ARG A 369 -27.52 -6.84 0.93
N LYS A 370 -28.53 -6.07 0.57
CA LYS A 370 -28.64 -5.52 -0.78
C LYS A 370 -27.73 -4.30 -0.92
N SER A 371 -27.62 -3.48 0.12
CA SER A 371 -26.81 -2.29 0.05
C SER A 371 -25.31 -2.57 0.19
N PRO A 372 -24.46 -1.65 -0.29
CA PRO A 372 -23.03 -1.92 -0.22
C PRO A 372 -22.43 -1.77 1.19
N ALA A 373 -21.19 -2.22 1.37
CA ALA A 373 -20.49 -2.06 2.61
C ALA A 373 -19.01 -1.90 2.36
N VAL A 374 -18.38 -1.13 3.21
CA VAL A 374 -16.93 -1.10 3.30
C VAL A 374 -16.59 -1.61 4.71
N LEU A 375 -15.66 -2.56 4.82
CA LEU A 375 -15.12 -2.96 6.13
C LEU A 375 -13.70 -2.50 6.25
N THR A 376 -13.32 -1.98 7.42
CA THR A 376 -11.98 -1.38 7.66
C THR A 376 -11.18 -2.03 8.79
N PRO A 377 -10.88 -3.34 8.72
CA PRO A 377 -10.17 -3.95 9.80
C PRO A 377 -8.66 -3.64 9.81
N HIS A 378 -8.04 -3.60 10.99
CA HIS A 378 -6.60 -3.89 11.10
C HIS A 378 -6.42 -5.43 11.12
N PRO A 379 -5.19 -5.90 10.95
CA PRO A 379 -5.00 -7.35 10.87
C PRO A 379 -5.48 -8.18 12.07
N GLY A 380 -5.45 -7.63 13.28
CA GLY A 380 -6.03 -8.35 14.43
C GLY A 380 -7.52 -8.55 14.25
N GLU A 381 -8.20 -7.51 13.77
CA GLU A 381 -9.63 -7.61 13.50
C GLU A 381 -9.95 -8.55 12.34
N MET A 382 -9.14 -8.48 11.29
CA MET A 382 -9.32 -9.37 10.12
C MET A 382 -9.14 -10.84 10.54
N ALA A 383 -8.09 -11.09 11.30
CA ALA A 383 -7.78 -12.41 11.85
C ALA A 383 -8.99 -12.97 12.61
N ARG A 384 -9.55 -12.19 13.54
CA ARG A 384 -10.72 -12.65 14.31
C ARG A 384 -11.92 -12.83 13.36
N LEU A 385 -12.05 -11.96 12.35
CA LEU A 385 -13.17 -12.04 11.42
C LEU A 385 -13.18 -13.34 10.58
N VAL A 386 -12.04 -13.80 10.09
CA VAL A 386 -12.01 -15.03 9.25
C VAL A 386 -11.48 -16.22 10.05
N LYS A 387 -11.25 -16.03 11.35
CA LYS A 387 -10.70 -17.14 12.16
C LYS A 387 -9.35 -17.69 11.69
N LYS A 388 -8.41 -16.79 11.52
CA LYS A 388 -7.04 -17.13 11.18
C LYS A 388 -6.10 -16.37 12.11
N THR A 389 -4.81 -16.64 11.98
CA THR A 389 -3.82 -15.98 12.78
C THR A 389 -3.54 -14.64 12.13
N VAL A 390 -3.08 -13.67 12.92
CA VAL A 390 -2.62 -12.40 12.39
C VAL A 390 -1.55 -12.59 11.30
N GLY A 391 -0.58 -13.46 11.55
CA GLY A 391 0.47 -13.74 10.56
C GLY A 391 -0.05 -14.32 9.23
N ASP A 392 -1.15 -15.04 9.28
CA ASP A 392 -1.73 -15.53 8.05
C ASP A 392 -2.53 -14.45 7.26
N VAL A 393 -3.06 -13.42 7.89
CA VAL A 393 -3.86 -12.43 7.14
C VAL A 393 -3.07 -11.18 6.82
N LYS A 394 -1.97 -10.95 7.55
CA LYS A 394 -1.27 -9.68 7.40
C LYS A 394 -0.65 -9.62 5.98
N TYR A 395 -0.92 -8.55 5.24
CA TYR A 395 -0.44 -8.36 3.86
C TYR A 395 -0.88 -9.47 2.92
N ASN A 396 -1.92 -10.22 3.30
CA ASN A 396 -2.39 -11.32 2.49
C ASN A 396 -3.47 -10.80 1.52
N TYR A 397 -3.02 -10.18 0.43
CA TYR A 397 -3.95 -9.56 -0.51
C TYR A 397 -4.85 -10.56 -1.21
N GLU A 398 -4.38 -11.79 -1.47
CA GLU A 398 -5.26 -12.79 -2.08
C GLU A 398 -6.42 -13.14 -1.14
N LEU A 399 -6.13 -13.29 0.14
CA LEU A 399 -7.23 -13.57 1.08
C LEU A 399 -8.17 -12.37 1.14
N ALA A 400 -7.65 -11.14 1.11
CA ALA A 400 -8.52 -9.99 1.14
C ALA A 400 -9.48 -9.92 -0.07
N GLU A 401 -8.93 -10.20 -1.24
CA GLU A 401 -9.69 -10.26 -2.47
C GLU A 401 -10.79 -11.30 -2.38
N GLU A 402 -10.44 -12.48 -1.88
CA GLU A 402 -11.41 -13.59 -1.77
C GLU A 402 -12.54 -13.19 -0.83
N PHE A 403 -12.19 -12.60 0.30
CA PHE A 403 -13.19 -12.12 1.26
C PHE A 403 -14.15 -11.08 0.65
N ALA A 404 -13.57 -10.06 0.00
CA ALA A 404 -14.38 -9.01 -0.62
C ALA A 404 -15.31 -9.58 -1.69
N LYS A 405 -14.81 -10.47 -2.53
CA LYS A 405 -15.61 -11.06 -3.59
C LYS A 405 -16.71 -11.94 -2.97
N GLU A 406 -16.38 -12.75 -1.97
CA GLU A 406 -17.37 -13.68 -1.40
C GLU A 406 -18.45 -12.94 -0.60
N ASN A 407 -18.11 -11.78 -0.04
CA ASN A 407 -19.05 -11.10 0.78
C ASN A 407 -19.58 -9.82 0.10
N ASP A 408 -19.23 -9.61 -1.17
CA ASP A 408 -19.74 -8.46 -1.91
C ASP A 408 -19.50 -7.12 -1.21
N CYS A 409 -18.30 -6.94 -0.68
CA CYS A 409 -17.96 -5.69 -0.03
C CYS A 409 -16.64 -5.15 -0.54
N VAL A 410 -16.26 -3.99 -0.02
CA VAL A 410 -14.90 -3.45 -0.16
C VAL A 410 -14.22 -3.72 1.17
N LEU A 411 -13.01 -4.25 1.07
CA LEU A 411 -12.23 -4.52 2.24
C LEU A 411 -11.00 -3.61 2.22
N VAL A 412 -10.81 -2.92 3.34
CA VAL A 412 -9.71 -1.97 3.55
C VAL A 412 -8.92 -2.55 4.70
N LEU A 413 -7.87 -3.28 4.36
CA LEU A 413 -7.03 -4.00 5.38
C LEU A 413 -5.90 -3.06 5.73
N LYS A 414 -6.01 -2.42 6.89
CA LYS A 414 -5.07 -1.38 7.31
C LYS A 414 -3.70 -1.94 7.77
N SER A 415 -2.59 -1.35 7.32
CA SER A 415 -1.25 -1.61 7.87
C SER A 415 -0.40 -0.51 7.25
N ALA A 416 0.90 -0.56 7.45
CA ALA A 416 1.77 0.47 6.91
C ALA A 416 1.59 0.66 5.40
N THR A 417 1.41 -0.46 4.72
CA THR A 417 0.82 -0.48 3.39
C THR A 417 -0.59 -1.04 3.55
N THR A 418 -1.57 -0.28 3.09
CA THR A 418 -2.97 -0.64 3.25
C THR A 418 -3.44 -1.18 1.92
N ILE A 419 -4.19 -2.27 2.02
CA ILE A 419 -4.72 -2.97 0.89
C ILE A 419 -6.22 -2.62 0.76
N VAL A 420 -6.64 -2.17 -0.40
CA VAL A 420 -8.06 -1.77 -0.66
C VAL A 420 -8.50 -2.64 -1.83
N THR A 421 -9.56 -3.41 -1.65
CA THR A 421 -10.00 -4.29 -2.69
C THR A 421 -11.52 -4.54 -2.67
N ASP A 422 -12.10 -4.69 -3.83
CA ASP A 422 -13.47 -5.18 -4.00
C ASP A 422 -13.56 -6.62 -4.53
N GLY A 423 -12.40 -7.26 -4.66
CA GLY A 423 -12.33 -8.63 -5.17
C GLY A 423 -11.92 -8.68 -6.64
N GLU A 424 -12.00 -7.56 -7.35
CA GLU A 424 -11.68 -7.52 -8.77
C GLU A 424 -10.52 -6.60 -9.00
N LYS A 425 -10.55 -5.46 -8.34
CA LYS A 425 -9.49 -4.48 -8.42
C LYS A 425 -8.89 -4.39 -7.02
N THR A 426 -7.56 -4.37 -6.93
CA THR A 426 -6.86 -4.21 -5.65
C THR A 426 -5.89 -3.06 -5.76
N LEU A 427 -5.92 -2.16 -4.77
CA LEU A 427 -5.10 -0.97 -4.72
C LEU A 427 -4.25 -0.97 -3.45
N PHE A 428 -3.04 -0.49 -3.56
CA PHE A 428 -2.13 -0.48 -2.41
C PHE A 428 -1.81 0.95 -2.06
N ASN A 429 -1.96 1.30 -0.78
CA ASN A 429 -1.62 2.67 -0.35
C ASN A 429 -0.28 2.70 0.38
N ILE A 430 0.62 3.60 -0.01
CA ILE A 430 1.90 3.70 0.66
C ILE A 430 2.14 5.06 1.39
N THR A 431 1.11 5.90 1.46
CA THR A 431 1.25 7.15 2.21
C THR A 431 1.09 6.86 3.70
N GLY A 432 1.68 7.71 4.52
CA GLY A 432 1.58 7.60 5.98
C GLY A 432 2.89 7.50 6.69
N ASN A 433 2.82 7.38 8.00
CA ASN A 433 4.02 7.16 8.79
C ASN A 433 3.59 6.54 10.14
N THR A 434 4.56 6.34 11.05
CA THR A 434 4.26 5.61 12.27
C THR A 434 3.44 6.47 13.25
N GLY A 435 3.18 7.77 12.97
CA GLY A 435 2.31 8.52 13.85
C GLY A 435 0.91 7.97 13.77
N LEU A 436 0.60 7.22 12.70
CA LEU A 436 -0.75 6.66 12.59
C LEU A 436 -0.91 5.38 13.40
N SER A 437 0.19 4.83 13.95
CA SER A 437 0.13 3.64 14.80
C SER A 437 -0.21 4.02 16.24
N LYS A 438 -1.42 4.50 16.43
CA LYS A 438 -1.82 5.14 17.66
C LYS A 438 -3.34 5.20 17.68
N GLY A 439 -3.90 4.90 18.85
CA GLY A 439 -5.35 4.93 19.00
C GLY A 439 -5.98 6.21 18.49
N GLY A 440 -7.06 6.05 17.76
CA GLY A 440 -7.86 7.16 17.28
C GLY A 440 -7.67 7.34 15.78
N SER A 441 -6.55 6.87 15.24
CA SER A 441 -6.23 7.05 13.80
C SER A 441 -7.26 6.41 12.90
N GLY A 442 -7.61 5.18 13.24
CA GLY A 442 -8.61 4.43 12.50
C GLY A 442 -10.01 5.05 12.54
N ASP A 443 -10.39 5.59 13.69
CA ASP A 443 -11.65 6.26 13.83
C ASP A 443 -11.79 7.42 12.81
N VAL A 444 -10.72 8.20 12.65
CA VAL A 444 -10.71 9.25 11.66
C VAL A 444 -10.94 8.69 10.25
N LEU A 445 -10.22 7.63 9.89
CA LEU A 445 -10.33 7.10 8.55
C LEU A 445 -11.79 6.65 8.27
N THR A 446 -12.41 6.02 9.25
CA THR A 446 -13.82 5.56 9.09
C THR A 446 -14.76 6.71 8.67
N GLY A 447 -14.61 7.87 9.35
CA GLY A 447 -15.34 9.07 9.03
C GLY A 447 -15.06 9.57 7.63
N MET A 448 -13.79 9.58 7.24
CA MET A 448 -13.43 10.02 5.89
C MET A 448 -14.11 9.19 4.81
N ILE A 449 -14.02 7.87 4.93
CA ILE A 449 -14.67 6.96 3.98
C ILE A 449 -16.16 7.24 3.89
N ALA A 450 -16.85 7.31 5.05
CA ALA A 450 -18.33 7.50 5.00
C ALA A 450 -18.61 8.84 4.33
N GLY A 451 -17.78 9.83 4.61
CA GLY A 451 -17.95 11.19 4.06
C GLY A 451 -17.84 11.21 2.54
N PHE A 452 -16.84 10.53 2.01
CA PHE A 452 -16.68 10.46 0.55
C PHE A 452 -17.78 9.67 -0.09
N ILE A 453 -18.26 8.61 0.56
CA ILE A 453 -19.42 7.92 0.02
C ILE A 453 -20.65 8.83 -0.02
N ALA A 454 -20.87 9.56 1.05
CA ALA A 454 -22.00 10.48 1.10
C ALA A 454 -21.94 11.56 0.00
N GLN A 455 -20.72 11.94 -0.39
CA GLN A 455 -20.53 12.91 -1.45
C GLN A 455 -20.67 12.34 -2.86
N GLY A 456 -20.88 11.02 -2.98
CA GLY A 456 -21.17 10.40 -4.26
C GLY A 456 -20.11 9.45 -4.79
N LEU A 457 -18.98 9.26 -4.10
CA LEU A 457 -17.99 8.30 -4.59
C LEU A 457 -18.49 6.91 -4.28
N SER A 458 -18.10 5.95 -5.13
CA SER A 458 -18.39 4.55 -4.88
C SER A 458 -17.66 4.14 -3.60
N PRO A 459 -18.11 3.07 -2.95
CA PRO A 459 -17.35 2.55 -1.79
C PRO A 459 -15.85 2.31 -2.10
N LEU A 460 -15.54 1.80 -3.28
CA LEU A 460 -14.14 1.53 -3.61
C LEU A 460 -13.41 2.86 -3.79
N GLU A 461 -14.02 3.80 -4.51
CA GLU A 461 -13.39 5.12 -4.76
C GLU A 461 -13.19 5.90 -3.47
N ALA A 462 -14.22 5.92 -2.62
CA ALA A 462 -14.17 6.56 -1.32
C ALA A 462 -13.03 6.01 -0.48
N SER A 463 -12.88 4.67 -0.50
CA SER A 463 -11.86 4.01 0.31
C SER A 463 -10.47 4.39 -0.23
N THR A 464 -10.35 4.46 -1.55
CA THR A 464 -9.07 4.73 -2.20
C THR A 464 -8.57 6.14 -1.86
N VAL A 465 -9.47 7.09 -2.04
CA VAL A 465 -9.14 8.49 -1.77
C VAL A 465 -8.83 8.68 -0.27
N SER A 466 -9.63 8.04 0.59
CA SER A 466 -9.52 8.25 2.03
C SER A 466 -8.20 7.72 2.61
N VAL A 467 -7.78 6.51 2.18
CA VAL A 467 -6.55 5.94 2.72
C VAL A 467 -5.34 6.78 2.28
N TYR A 468 -5.39 7.28 1.06
CA TYR A 468 -4.28 8.10 0.55
C TYR A 468 -4.18 9.41 1.36
N LEU A 469 -5.31 10.09 1.49
CA LEU A 469 -5.34 11.43 2.13
C LEU A 469 -5.06 11.33 3.62
N HIS A 470 -5.52 10.26 4.24
CA HIS A 470 -5.30 10.00 5.70
C HIS A 470 -3.78 9.84 5.95
N GLY A 471 -3.11 9.10 5.07
CA GLY A 471 -1.66 8.94 5.21
C GLY A 471 -0.91 10.21 4.86
N PHE A 472 -1.34 10.85 3.78
CA PHE A 472 -0.72 12.13 3.37
C PHE A 472 -0.83 13.23 4.45
N ALA A 473 -2.00 13.33 5.09
CA ALA A 473 -2.18 14.26 6.21
C ALA A 473 -1.15 14.00 7.34
N ALA A 474 -0.91 12.72 7.66
CA ALA A 474 0.10 12.34 8.66
C ALA A 474 1.48 12.81 8.28
N GLU A 475 1.82 12.73 7.00
CA GLU A 475 3.11 13.17 6.55
C GLU A 475 3.31 14.68 6.62
N LEU A 476 2.20 15.42 6.66
CA LEU A 476 2.28 16.87 6.71
C LEU A 476 2.48 17.40 8.14
N PHE A 477 2.43 16.54 9.14
CA PHE A 477 2.64 16.96 10.52
C PHE A 477 4.04 17.59 10.62
N GLU A 478 4.15 18.71 11.30
CA GLU A 478 5.37 19.51 11.22
C GLU A 478 6.46 19.06 12.22
N GLN A 479 6.08 18.34 13.26
CA GLN A 479 7.09 17.95 14.26
C GLN A 479 7.32 16.44 14.15
N ASP A 480 7.92 15.80 15.15
CA ASP A 480 8.24 14.37 15.00
C ASP A 480 6.97 13.53 14.91
N GLU A 481 6.98 12.60 13.96
CA GLU A 481 5.77 11.79 13.68
C GLU A 481 5.28 11.03 14.88
N ARG A 482 6.16 10.70 15.81
CA ARG A 482 5.69 9.91 16.91
C ARG A 482 4.77 10.70 17.85
N GLY A 483 4.80 12.03 17.73
CA GLY A 483 3.94 12.91 18.50
C GLY A 483 2.58 13.18 17.86
N LEU A 484 2.33 12.70 16.63
CA LEU A 484 1.03 12.91 15.95
C LEU A 484 -0.09 12.28 16.74
N THR A 485 -1.21 12.97 16.92
CA THR A 485 -2.39 12.37 17.51
C THR A 485 -3.52 12.60 16.52
N ALA A 486 -4.62 11.88 16.72
CA ALA A 486 -5.78 11.96 15.83
C ALA A 486 -6.38 13.38 15.67
N SER A 487 -6.36 14.15 16.76
CA SER A 487 -6.87 15.52 16.74
C SER A 487 -6.00 16.38 15.80
N GLU A 488 -4.71 16.14 15.77
CA GLU A 488 -3.84 16.91 14.89
C GLU A 488 -3.99 16.39 13.44
N LEU A 489 -4.18 15.07 13.28
CA LEU A 489 -4.43 14.52 11.97
C LEU A 489 -5.68 15.18 11.31
N LEU A 490 -6.73 15.37 12.09
CA LEU A 490 -7.91 16.07 11.62
C LEU A 490 -7.63 17.46 11.09
N ARG A 491 -6.80 18.18 11.81
CA ARG A 491 -6.45 19.55 11.43
C ARG A 491 -5.71 19.55 10.10
N LEU A 492 -4.96 18.48 9.82
CA LEU A 492 -4.12 18.39 8.63
C LEU A 492 -4.84 17.92 7.37
N ILE A 493 -6.03 17.33 7.52
CA ILE A 493 -6.76 16.83 6.36
C ILE A 493 -6.98 17.91 5.25
N PRO A 494 -7.48 19.13 5.59
CA PRO A 494 -7.75 20.11 4.56
C PRO A 494 -6.47 20.57 3.83
N GLU A 495 -5.32 20.55 4.50
CA GLU A 495 -4.03 20.85 3.84
C GLU A 495 -3.62 19.75 2.86
N ALA A 496 -3.85 18.51 3.25
CA ALA A 496 -3.61 17.38 2.39
C ALA A 496 -4.46 17.51 1.12
N ILE A 497 -5.72 17.87 1.30
CA ILE A 497 -6.61 18.09 0.15
C ILE A 497 -6.08 19.22 -0.74
N ARG A 498 -5.74 20.35 -0.14
CA ARG A 498 -5.21 21.46 -0.93
C ARG A 498 -3.99 21.02 -1.70
N ARG A 499 -3.07 20.32 -1.04
CA ARG A 499 -1.81 19.90 -1.70
C ARG A 499 -2.04 18.91 -2.84
N LEU A 500 -3.03 18.05 -2.69
CA LEU A 500 -3.41 17.07 -3.71
C LEU A 500 -3.87 17.75 -4.99
N LYS A 501 -4.58 18.85 -4.84
CA LYS A 501 -4.86 19.72 -5.98
C LYS A 501 -3.60 20.55 -6.15
N ALA B 1 6.79 17.07 -14.81
CA ALA B 1 8.10 16.36 -14.69
C ALA B 1 8.21 15.37 -15.87
N PRO B 2 9.28 15.47 -16.70
CA PRO B 2 9.49 14.45 -17.78
C PRO B 2 9.67 12.97 -17.25
N ALA B 3 8.83 12.06 -17.75
CA ALA B 3 8.72 10.75 -17.14
C ALA B 3 8.64 9.74 -18.24
N TRP B 4 9.31 9.97 -19.38
CA TRP B 4 9.34 8.91 -20.39
C TRP B 4 10.07 7.69 -19.82
N LEU B 5 11.21 7.88 -19.17
CA LEU B 5 11.99 6.73 -18.71
C LEU B 5 11.58 6.23 -17.30
N PHE B 6 11.41 7.16 -16.36
CA PHE B 6 11.18 6.78 -14.94
C PHE B 6 9.85 7.26 -14.40
N GLU B 7 9.11 6.37 -13.71
CA GLU B 7 8.05 6.71 -12.71
C GLU B 7 8.69 6.59 -11.29
N ALA B 8 8.49 7.60 -10.45
CA ALA B 8 9.15 7.63 -9.12
C ALA B 8 8.42 6.71 -8.17
K K C . 18.60 -8.30 -7.62
PA NAP D . 16.46 -14.68 -11.85
O1A NAP D . 15.77 -13.64 -11.02
O2A NAP D . 17.71 -14.16 -12.53
O5B NAP D . 16.81 -15.92 -10.92
C5B NAP D . 17.14 -17.15 -11.52
C4B NAP D . 18.55 -17.58 -11.07
O4B NAP D . 18.64 -17.67 -9.65
C3B NAP D . 18.98 -18.96 -11.54
O3B NAP D . 20.40 -18.88 -11.60
C2B NAP D . 18.49 -19.85 -10.39
O2B NAP D . 19.21 -21.04 -10.28
C1B NAP D . 18.85 -19.01 -9.19
N9A NAP D . 18.07 -19.19 -7.95
C8A NAP D . 16.74 -18.91 -7.75
N7A NAP D . 16.47 -19.13 -6.44
C5A NAP D . 17.62 -19.51 -5.81
C6A NAP D . 17.92 -19.86 -4.51
N6A NAP D . 16.98 -19.85 -3.53
N1A NAP D . 19.17 -20.20 -4.20
C2A NAP D . 20.18 -20.23 -5.13
N3A NAP D . 19.89 -19.88 -6.42
C4A NAP D . 18.62 -19.56 -6.77
O3 NAP D . 15.34 -15.21 -12.87
PN NAP D . 15.10 -15.17 -14.44
O1N NAP D . 16.24 -15.76 -15.14
O2N NAP D . 13.70 -15.51 -14.54
O5D NAP D . 15.19 -13.54 -14.62
C5D NAP D . 14.25 -12.62 -14.08
C4D NAP D . 14.93 -11.27 -14.08
O4D NAP D . 15.37 -10.99 -15.42
C3D NAP D . 14.02 -10.11 -13.65
O3D NAP D . 14.16 -9.90 -12.27
C2D NAP D . 14.59 -8.99 -14.49
O2D NAP D . 15.79 -8.56 -13.87
C1D NAP D . 14.94 -9.68 -15.82
N1N NAP D . 13.77 -9.75 -16.71
P2B NAP D . 18.56 -22.31 -11.03
O1X NAP D . 19.73 -23.22 -11.21
O2X NAP D . 18.05 -21.90 -12.40
O3X NAP D . 17.41 -22.85 -10.27
#